data_9EB5
#
_entry.id   9EB5
#
_cell.length_a   57.116
_cell.length_b   55.429
_cell.length_c   133.412
_cell.angle_alpha   90.00
_cell.angle_beta   101.43
_cell.angle_gamma   90.00
#
_symmetry.space_group_name_H-M   'I 1 2 1'
#
loop_
_entity.id
_entity.type
_entity.pdbx_description
1 polymer 'MHC Rfp-Y class I alpha chain'
2 polymer Beta-2-microglobulin
3 polymer '5mer derived from a tegument protein in MDV'
4 non-polymer DI(HYDROXYETHYL)ETHER
5 non-polymer 'SODIUM ION'
6 non-polymer 'CHLORIDE ION'
7 non-polymer 'MAGNESIUM ION'
8 non-polymer 'MYRISTIC ACID'
9 water water
#
loop_
_entity_poly.entity_id
_entity_poly.type
_entity_poly.pdbx_seq_one_letter_code
_entity_poly.pdbx_strand_id
1 'polypeptide(L)'
;GSHSLRYFLTGMTDPGPGMPRFVIVGYVDDKIFGTYNSKSRTAQPIVEMLPQEDQEHWDTQTQKAQGGERDFDWNLNRLP
ERYNKSKGSHTMQMMFGCDILEDGSIRGYDQYAFDGRDFLAFDMDTMTFTAADPVAEITKRRWETEGTYAERWKHELGTV
CVQNLRRYLEHGKAALKRRVQPEVRVWGKEADGILTLSCHAHGFYPRPITISWMKDGMVRDQETRWGGIVPNSDGTYHAS
AAIDVLPEDGDKYWCRVEHASLPQPGLFSW
;
A
2 'polypeptide(L)'
;DLTPKVQVYSRFPASAGTKNVLNCFAAGFHPPKISITLMKDGVPMEGAQYSDMSFNDDWTFQRLVHADFTPSSGSTYACK
VEHETLKEPQVYKWDPEF
;
B
3 'polypeptide(L)' GQAVS D
#
loop_
_chem_comp.id
_chem_comp.type
_chem_comp.name
_chem_comp.formula
CL non-polymer 'CHLORIDE ION' 'Cl -1'
MG non-polymer 'MAGNESIUM ION' 'Mg 2'
MYR non-polymer 'MYRISTIC ACID' 'C14 H28 O2'
NA non-polymer 'SODIUM ION' 'Na 1'
PEG non-polymer DI(HYDROXYETHYL)ETHER 'C4 H10 O3'
#
# COMPACT_ATOMS: atom_id res chain seq x y z
N GLY A 1 12.97 0.26 -18.24
CA GLY A 1 13.37 1.49 -17.59
C GLY A 1 12.24 2.49 -17.42
N SER A 2 11.02 1.99 -17.28
CA SER A 2 9.85 2.83 -17.15
C SER A 2 9.71 3.36 -15.72
N HIS A 3 8.92 4.41 -15.57
CA HIS A 3 8.65 4.98 -14.26
C HIS A 3 7.17 5.32 -14.17
N SER A 4 6.65 5.37 -12.95
CA SER A 4 5.22 5.56 -12.74
CA SER A 4 5.22 5.56 -12.74
C SER A 4 4.98 6.59 -11.65
N LEU A 5 3.91 7.36 -11.82
CA LEU A 5 3.38 8.24 -10.79
C LEU A 5 1.94 7.84 -10.57
N ARG A 6 1.56 7.63 -9.32
CA ARG A 6 0.20 7.25 -8.98
C ARG A 6 -0.30 8.04 -7.78
N TYR A 7 -1.57 8.40 -7.82
CA TYR A 7 -2.26 9.04 -6.71
C TYR A 7 -3.36 8.12 -6.22
N PHE A 8 -3.46 7.93 -4.90
CA PHE A 8 -4.49 7.09 -4.30
C PHE A 8 -5.36 7.98 -3.41
N LEU A 9 -6.61 8.17 -3.81
CA LEU A 9 -7.52 9.09 -3.13
C LEU A 9 -8.63 8.30 -2.46
N THR A 10 -8.89 8.60 -1.19
CA THR A 10 -9.95 7.95 -0.46
C THR A 10 -10.77 9.00 0.28
N GLY A 11 -12.08 8.98 0.07
CA GLY A 11 -13.04 9.68 0.90
C GLY A 11 -13.91 8.68 1.63
N MET A 12 -14.24 9.00 2.88
CA MET A 12 -14.88 8.07 3.79
C MET A 12 -15.96 8.80 4.57
N THR A 13 -17.14 8.18 4.70
CA THR A 13 -18.12 8.73 5.65
C THR A 13 -17.77 8.37 7.09
N ASP A 14 -17.12 7.22 7.31
CA ASP A 14 -16.85 6.66 8.65
C ASP A 14 -15.39 6.21 8.71
N PRO A 15 -14.45 7.16 8.79
CA PRO A 15 -13.03 6.78 8.76
C PRO A 15 -12.51 6.25 10.08
N GLY A 16 -13.24 6.44 11.18
CA GLY A 16 -12.77 6.05 12.49
C GLY A 16 -12.41 7.26 13.33
N PRO A 17 -12.46 7.11 14.64
CA PRO A 17 -12.23 8.26 15.53
C PRO A 17 -10.86 8.88 15.32
N GLY A 18 -10.84 10.21 15.15
CA GLY A 18 -9.61 10.95 14.95
C GLY A 18 -9.00 10.86 13.57
N MET A 19 -9.58 10.10 12.66
CA MET A 19 -9.15 9.80 11.28
C MET A 19 -9.70 10.84 10.31
N PRO A 20 -8.84 11.30 9.42
CA PRO A 20 -9.30 12.18 8.33
C PRO A 20 -10.35 11.49 7.46
N ARG A 21 -11.35 12.26 7.04
CA ARG A 21 -12.36 11.68 6.16
CA ARG A 21 -12.37 11.73 6.15
C ARG A 21 -11.89 11.63 4.71
N PHE A 22 -10.81 12.31 4.36
CA PHE A 22 -10.31 12.30 2.99
C PHE A 22 -8.79 12.29 3.02
N VAL A 23 -8.21 11.37 2.25
CA VAL A 23 -6.77 11.13 2.25
C VAL A 23 -6.28 10.97 0.81
N ILE A 24 -5.12 11.55 0.50
CA ILE A 24 -4.40 11.27 -0.73
C ILE A 24 -3.01 10.78 -0.40
N VAL A 25 -2.60 9.68 -1.02
CA VAL A 25 -1.22 9.21 -0.94
C VAL A 25 -0.68 9.13 -2.36
N GLY A 26 0.46 9.76 -2.57
CA GLY A 26 1.09 9.79 -3.89
C GLY A 26 2.35 8.93 -3.87
N TYR A 27 2.55 8.19 -4.97
CA TYR A 27 3.69 7.31 -5.14
C TYR A 27 4.42 7.59 -6.45
N VAL A 28 5.74 7.57 -6.37
CA VAL A 28 6.61 7.53 -7.55
C VAL A 28 7.30 6.18 -7.51
N ASP A 29 7.05 5.36 -8.53
CA ASP A 29 7.45 3.95 -8.49
C ASP A 29 6.90 3.36 -7.20
N ASP A 30 7.68 2.62 -6.42
CA ASP A 30 7.09 2.09 -5.19
C ASP A 30 7.55 2.87 -3.96
N LYS A 31 7.44 4.20 -4.03
CA LYS A 31 7.86 5.05 -2.92
C LYS A 31 6.88 6.19 -2.73
N ILE A 32 6.37 6.33 -1.50
CA ILE A 32 5.52 7.46 -1.18
C ILE A 32 6.34 8.74 -1.29
N PHE A 33 5.87 9.70 -2.10
CA PHE A 33 6.54 10.98 -2.24
C PHE A 33 5.84 12.12 -1.50
N GLY A 34 4.56 11.97 -1.17
CA GLY A 34 3.81 13.01 -0.47
C GLY A 34 2.42 12.50 -0.14
N THR A 35 1.72 13.30 0.68
CA THR A 35 0.38 12.95 1.15
C THR A 35 -0.46 14.22 1.31
N TYR A 36 -1.78 14.04 1.32
CA TYR A 36 -2.74 15.07 1.73
C TYR A 36 -3.79 14.40 2.63
N ASN A 37 -4.30 15.15 3.60
CA ASN A 37 -5.47 14.68 4.32
C ASN A 37 -6.31 15.88 4.76
N SER A 38 -7.60 15.61 5.00
CA SER A 38 -8.59 16.64 5.31
C SER A 38 -8.40 17.25 6.71
N LYS A 39 -7.57 16.65 7.57
CA LYS A 39 -7.35 17.22 8.89
C LYS A 39 -6.32 18.35 8.83
N SER A 40 -5.14 18.05 8.28
CA SER A 40 -4.13 19.08 8.10
C SER A 40 -4.51 20.07 6.99
N ARG A 41 -5.24 19.59 5.98
CA ARG A 41 -5.62 20.37 4.80
C ARG A 41 -4.41 20.85 4.01
N THR A 42 -3.26 20.19 4.17
CA THR A 42 -2.04 20.56 3.48
CA THR A 42 -2.03 20.57 3.48
C THR A 42 -1.46 19.35 2.78
N ALA A 43 -0.97 19.56 1.56
CA ALA A 43 -0.22 18.54 0.85
C ALA A 43 1.25 18.76 1.14
N GLN A 44 1.95 17.71 1.59
CA GLN A 44 3.32 17.82 2.07
C GLN A 44 4.17 16.73 1.44
N PRO A 45 5.42 17.01 1.09
CA PRO A 45 6.29 15.96 0.56
C PRO A 45 6.80 15.08 1.69
N ILE A 46 7.28 13.89 1.30
CA ILE A 46 8.06 13.07 2.22
C ILE A 46 9.51 13.55 2.16
N VAL A 47 9.96 14.29 3.19
CA VAL A 47 11.22 15.00 3.04
C VAL A 47 12.42 14.04 2.96
N GLU A 48 12.28 12.81 3.47
CA GLU A 48 13.33 11.81 3.26
C GLU A 48 13.53 11.49 1.79
N MET A 49 12.45 11.52 0.99
CA MET A 49 12.60 11.35 -0.45
C MET A 49 12.87 12.69 -1.15
N LEU A 50 12.11 13.72 -0.77
CA LEU A 50 12.14 15.03 -1.42
C LEU A 50 12.57 16.06 -0.38
N PRO A 51 13.87 16.27 -0.19
CA PRO A 51 14.35 17.09 0.93
C PRO A 51 14.44 18.58 0.66
N GLN A 52 14.27 19.05 -0.58
CA GLN A 52 14.49 20.45 -0.89
C GLN A 52 13.41 20.94 -1.84
N GLU A 53 12.17 20.86 -1.36
CA GLU A 53 11.01 21.24 -2.16
C GLU A 53 10.66 22.71 -1.96
N ASP A 54 10.32 23.37 -3.06
CA ASP A 54 9.88 24.76 -3.00
C ASP A 54 8.41 24.82 -2.59
N GLN A 55 8.09 25.84 -1.79
CA GLN A 55 6.73 25.95 -1.26
C GLN A 55 5.73 26.19 -2.38
N GLU A 56 6.13 26.89 -3.45
CA GLU A 56 5.24 27.17 -4.58
C GLU A 56 4.60 25.89 -5.10
N HIS A 57 5.41 24.86 -5.34
CA HIS A 57 4.89 23.64 -5.93
C HIS A 57 3.85 22.98 -5.03
N TRP A 58 4.13 22.91 -3.73
CA TRP A 58 3.20 22.30 -2.79
C TRP A 58 2.01 23.20 -2.42
N ASP A 59 2.15 24.53 -2.54
CA ASP A 59 0.95 25.37 -2.56
C ASP A 59 0.00 24.93 -3.67
N THR A 60 0.54 24.66 -4.86
CA THR A 60 -0.27 24.20 -5.98
C THR A 60 -0.88 22.82 -5.71
N GLN A 61 -0.08 21.89 -5.19
CA GLN A 61 -0.64 20.56 -4.89
C GLN A 61 -1.74 20.66 -3.85
N THR A 62 -1.56 21.50 -2.84
CA THR A 62 -2.55 21.64 -1.77
C THR A 62 -3.91 22.09 -2.32
N GLN A 63 -3.90 23.17 -3.08
CA GLN A 63 -5.10 23.71 -3.73
C GLN A 63 -5.85 22.64 -4.53
N LYS A 64 -5.10 21.91 -5.36
CA LYS A 64 -5.72 20.91 -6.22
C LYS A 64 -6.28 19.77 -5.38
N ALA A 65 -5.58 19.37 -4.33
CA ALA A 65 -6.05 18.30 -3.45
C ALA A 65 -7.28 18.73 -2.66
N GLN A 66 -7.34 20.01 -2.26
CA GLN A 66 -8.51 20.53 -1.55
C GLN A 66 -9.74 20.48 -2.46
N GLY A 67 -9.55 20.75 -3.75
CA GLY A 67 -10.65 20.58 -4.69
C GLY A 67 -11.10 19.13 -4.79
N GLY A 68 -10.14 18.21 -4.73
CA GLY A 68 -10.52 16.80 -4.72
C GLY A 68 -11.30 16.45 -3.48
N GLU A 69 -10.91 17.02 -2.34
CA GLU A 69 -11.67 16.85 -1.10
C GLU A 69 -13.12 17.32 -1.26
N ARG A 70 -13.35 18.47 -1.90
CA ARG A 70 -14.71 18.96 -2.02
C ARG A 70 -15.54 18.03 -2.91
N ASP A 71 -14.95 17.56 -4.02
CA ASP A 71 -15.69 16.73 -4.95
C ASP A 71 -16.05 15.39 -4.32
N PHE A 72 -15.13 14.79 -3.57
CA PHE A 72 -15.42 13.52 -2.90
C PHE A 72 -16.52 13.69 -1.87
N ASP A 73 -16.48 14.76 -1.07
CA ASP A 73 -17.60 15.07 -0.18
C ASP A 73 -18.89 15.24 -0.96
N TRP A 74 -18.83 15.93 -2.11
CA TRP A 74 -20.00 16.07 -2.98
C TRP A 74 -20.52 14.69 -3.39
N ASN A 75 -19.62 13.81 -3.83
CA ASN A 75 -20.04 12.48 -4.31
C ASN A 75 -20.61 11.65 -3.18
N LEU A 76 -19.94 11.64 -2.03
CA LEU A 76 -20.42 10.81 -0.94
C LEU A 76 -21.77 11.26 -0.41
N ASN A 77 -22.14 12.51 -0.62
CA ASN A 77 -23.48 12.95 -0.22
C ASN A 77 -24.54 12.64 -1.27
N ARG A 78 -24.19 12.19 -2.46
CA ARG A 78 -25.17 11.96 -3.53
C ARG A 78 -25.25 10.52 -4.01
N LEU A 79 -24.12 9.82 -4.08
CA LEU A 79 -24.08 8.48 -4.68
C LEU A 79 -24.82 7.42 -3.86
N PRO A 80 -24.71 7.40 -2.51
CA PRO A 80 -25.47 6.39 -1.76
C PRO A 80 -26.95 6.38 -2.09
N GLU A 81 -27.55 7.56 -2.29
CA GLU A 81 -28.97 7.62 -2.61
C GLU A 81 -29.24 7.19 -4.04
N ARG A 82 -28.32 7.49 -4.95
CA ARG A 82 -28.46 7.06 -6.33
C ARG A 82 -28.36 5.54 -6.46
N TYR A 83 -27.55 4.90 -5.62
CA TYR A 83 -27.46 3.45 -5.65
C TYR A 83 -28.55 2.78 -4.82
N ASN A 84 -29.38 3.55 -4.12
CA ASN A 84 -30.47 3.02 -3.29
C ASN A 84 -29.95 2.03 -2.25
N LYS A 85 -28.72 2.26 -1.79
CA LYS A 85 -28.07 1.37 -0.84
C LYS A 85 -28.38 1.81 0.59
N SER A 86 -28.60 0.81 1.45
CA SER A 86 -28.83 1.06 2.87
C SER A 86 -27.57 0.90 3.70
N LYS A 87 -26.39 0.77 3.05
CA LYS A 87 -25.15 0.63 3.80
C LYS A 87 -25.02 1.74 4.84
N GLY A 88 -24.45 1.39 6.00
CA GLY A 88 -24.15 2.41 6.98
C GLY A 88 -23.18 3.43 6.42
N SER A 89 -21.93 3.03 6.25
CA SER A 89 -20.87 3.90 5.80
C SER A 89 -20.61 3.74 4.31
N HIS A 90 -19.91 4.72 3.73
CA HIS A 90 -19.65 4.74 2.31
C HIS A 90 -18.24 5.23 2.03
N THR A 91 -17.70 4.81 0.90
CA THR A 91 -16.36 5.18 0.48
C THR A 91 -16.38 5.59 -0.98
N MET A 92 -15.45 6.47 -1.30
CA MET A 92 -15.18 6.91 -2.65
C MET A 92 -13.69 6.84 -2.85
N GLN A 93 -13.26 6.31 -4.00
CA GLN A 93 -11.84 6.13 -4.26
C GLN A 93 -11.54 6.51 -5.68
N MET A 94 -10.31 6.99 -5.88
CA MET A 94 -9.81 7.26 -7.20
C MET A 94 -8.32 6.97 -7.22
N MET A 95 -7.88 6.32 -8.29
CA MET A 95 -6.48 6.10 -8.59
CA MET A 95 -6.47 6.16 -8.57
C MET A 95 -6.21 6.66 -9.97
N PHE A 96 -5.20 7.52 -10.09
CA PHE A 96 -4.86 8.02 -11.40
C PHE A 96 -3.36 8.28 -11.45
N GLY A 97 -2.84 8.40 -12.66
CA GLY A 97 -1.43 8.74 -12.82
C GLY A 97 -0.94 8.47 -14.22
N CYS A 98 0.38 8.36 -14.35
CA CYS A 98 1.00 8.20 -15.65
C CYS A 98 2.22 7.32 -15.53
N ASP A 99 2.59 6.73 -16.66
CA ASP A 99 3.84 6.03 -16.87
C ASP A 99 4.61 6.76 -17.96
N ILE A 100 5.92 6.84 -17.78
CA ILE A 100 6.84 7.19 -18.84
C ILE A 100 7.65 5.93 -19.14
N LEU A 101 7.44 5.34 -20.31
CA LEU A 101 8.16 4.13 -20.66
CA LEU A 101 8.16 4.13 -20.64
C LEU A 101 9.60 4.47 -21.07
N GLU A 102 10.42 3.42 -21.19
CA GLU A 102 11.84 3.63 -21.48
C GLU A 102 12.04 4.40 -22.79
N ASP A 103 11.22 4.12 -23.80
CA ASP A 103 11.35 4.84 -25.08
C ASP A 103 10.70 6.22 -25.07
N GLY A 104 10.20 6.68 -23.92
CA GLY A 104 9.62 8.01 -23.80
C GLY A 104 8.12 8.10 -24.03
N SER A 105 7.49 7.03 -24.52
CA SER A 105 6.05 7.07 -24.68
C SER A 105 5.36 7.12 -23.31
N ILE A 106 4.10 7.56 -23.33
CA ILE A 106 3.34 7.91 -22.14
CA ILE A 106 3.35 7.88 -22.13
C ILE A 106 2.08 7.04 -22.07
N ARG A 107 1.66 6.73 -20.85
CA ARG A 107 0.40 6.04 -20.56
C ARG A 107 -0.26 6.77 -19.41
N GLY A 108 -1.59 6.93 -19.49
CA GLY A 108 -2.35 7.57 -18.44
C GLY A 108 -3.37 6.59 -17.87
N TYR A 109 -3.68 6.76 -16.59
CA TYR A 109 -4.61 5.92 -15.86
C TYR A 109 -5.53 6.80 -15.03
N ASP A 110 -6.80 6.41 -14.92
CA ASP A 110 -7.79 7.20 -14.23
C ASP A 110 -9.01 6.34 -13.96
N GLN A 111 -9.19 5.91 -12.71
CA GLN A 111 -10.22 4.97 -12.34
C GLN A 111 -10.86 5.39 -11.02
N TYR A 112 -12.18 5.21 -10.91
CA TYR A 112 -12.93 5.49 -9.70
C TYR A 112 -13.64 4.24 -9.18
N ALA A 113 -13.83 4.19 -7.86
CA ALA A 113 -14.64 3.18 -7.21
C ALA A 113 -15.54 3.84 -6.17
N PHE A 114 -16.74 3.26 -6.00
CA PHE A 114 -17.68 3.68 -4.99
C PHE A 114 -18.04 2.48 -4.13
N ASP A 115 -17.94 2.65 -2.81
CA ASP A 115 -18.08 1.56 -1.85
C ASP A 115 -17.21 0.35 -2.24
N GLY A 116 -15.99 0.64 -2.71
CA GLY A 116 -15.06 -0.43 -3.02
C GLY A 116 -15.33 -1.21 -4.30
N ARG A 117 -16.23 -0.73 -5.17
CA ARG A 117 -16.53 -1.39 -6.43
C ARG A 117 -16.29 -0.43 -7.59
N ASP A 118 -15.83 -0.97 -8.71
CA ASP A 118 -15.59 -0.16 -9.91
C ASP A 118 -16.78 0.77 -10.13
N PHE A 119 -16.48 2.01 -10.48
CA PHE A 119 -17.52 2.98 -10.76
C PHE A 119 -17.37 3.54 -12.17
N LEU A 120 -16.22 4.15 -12.48
CA LEU A 120 -16.00 4.87 -13.73
C LEU A 120 -14.51 4.82 -14.06
N ALA A 121 -14.19 4.73 -15.35
CA ALA A 121 -12.82 4.88 -15.81
C ALA A 121 -12.78 5.84 -17.00
N PHE A 122 -11.65 6.51 -17.15
CA PHE A 122 -11.41 7.43 -18.26
C PHE A 122 -10.16 6.97 -18.98
N ASP A 123 -10.25 6.84 -20.29
CA ASP A 123 -9.12 6.43 -21.12
C ASP A 123 -8.63 7.65 -21.91
N MET A 124 -7.45 8.14 -21.53
CA MET A 124 -6.97 9.39 -22.10
CA MET A 124 -6.91 9.38 -22.09
C MET A 124 -6.63 9.25 -23.58
N ASP A 125 -6.17 8.07 -24.02
CA ASP A 125 -5.78 7.93 -25.42
C ASP A 125 -6.98 8.02 -26.35
N THR A 126 -8.10 7.39 -26.00
CA THR A 126 -9.32 7.58 -26.79
C THR A 126 -10.18 8.75 -26.31
N MET A 127 -9.84 9.34 -25.16
CA MET A 127 -10.69 10.35 -24.50
C MET A 127 -12.13 9.84 -24.33
N THR A 128 -12.27 8.60 -23.89
CA THR A 128 -13.58 7.99 -23.67
C THR A 128 -13.70 7.47 -22.24
N PHE A 129 -14.95 7.32 -21.79
CA PHE A 129 -15.28 6.83 -20.46
C PHE A 129 -15.84 5.41 -20.53
N THR A 130 -15.70 4.71 -19.42
CA THR A 130 -16.30 3.40 -19.22
C THR A 130 -17.00 3.41 -17.87
N ALA A 131 -18.30 3.09 -17.86
CA ALA A 131 -19.06 2.97 -16.62
C ALA A 131 -19.16 1.50 -16.19
N ALA A 132 -19.12 1.28 -14.88
CA ALA A 132 -19.12 -0.08 -14.37
C ALA A 132 -20.51 -0.68 -14.23
N ASP A 133 -21.56 0.15 -14.24
CA ASP A 133 -22.93 -0.31 -14.03
C ASP A 133 -23.87 0.78 -14.55
N PRO A 134 -25.18 0.48 -14.64
CA PRO A 134 -26.14 1.47 -15.14
C PRO A 134 -26.25 2.75 -14.31
N VAL A 135 -25.91 2.74 -13.02
CA VAL A 135 -25.96 4.00 -12.28
C VAL A 135 -24.80 4.90 -12.68
N ALA A 136 -23.59 4.33 -12.75
CA ALA A 136 -22.41 5.06 -13.21
C ALA A 136 -22.57 5.56 -14.65
N GLU A 137 -23.28 4.79 -15.47
CA GLU A 137 -23.56 5.21 -16.85
C GLU A 137 -24.17 6.61 -16.91
N ILE A 138 -25.07 6.94 -15.96
CA ILE A 138 -25.64 8.29 -15.95
C ILE A 138 -24.54 9.33 -15.83
N THR A 139 -23.59 9.13 -14.93
CA THR A 139 -22.48 10.07 -14.83
C THR A 139 -21.63 10.09 -16.10
N LYS A 140 -21.30 8.91 -16.64
CA LYS A 140 -20.57 8.87 -17.91
C LYS A 140 -21.22 9.76 -18.98
N ARG A 141 -22.52 9.60 -19.18
CA ARG A 141 -23.15 10.35 -20.26
C ARG A 141 -23.15 11.86 -19.98
N ARG A 142 -23.39 12.24 -18.72
CA ARG A 142 -23.30 13.66 -18.34
C ARG A 142 -21.90 14.21 -18.56
N TRP A 143 -20.88 13.51 -18.07
CA TRP A 143 -19.51 13.98 -18.23
C TRP A 143 -19.13 14.13 -19.70
N GLU A 144 -19.45 13.13 -20.52
CA GLU A 144 -19.02 13.21 -21.91
C GLU A 144 -19.82 14.26 -22.67
N THR A 145 -21.12 14.42 -22.35
CA THR A 145 -21.93 15.42 -23.05
C THR A 145 -21.43 16.85 -22.76
N GLU A 146 -21.03 17.12 -21.51
CA GLU A 146 -20.50 18.44 -21.20
C GLU A 146 -19.13 18.67 -21.82
N GLY A 147 -18.37 17.60 -22.09
CA GLY A 147 -17.09 17.70 -22.76
C GLY A 147 -15.92 18.21 -21.94
N THR A 148 -16.17 18.89 -20.82
CA THR A 148 -15.04 19.52 -20.12
C THR A 148 -14.15 18.50 -19.42
N TYR A 149 -14.72 17.43 -18.86
CA TYR A 149 -13.89 16.50 -18.08
C TYR A 149 -12.79 15.87 -18.93
N ALA A 150 -13.14 15.42 -20.14
CA ALA A 150 -12.16 14.75 -20.99
C ALA A 150 -10.99 15.67 -21.31
N GLU A 151 -11.27 16.94 -21.61
CA GLU A 151 -10.19 17.89 -21.91
C GLU A 151 -9.31 18.15 -20.68
N ARG A 152 -9.92 18.35 -19.52
CA ARG A 152 -9.14 18.60 -18.31
CA ARG A 152 -9.13 18.60 -18.31
C ARG A 152 -8.24 17.40 -17.99
N TRP A 153 -8.80 16.20 -18.04
CA TRP A 153 -8.03 15.03 -17.61
C TRP A 153 -7.08 14.51 -18.68
N LYS A 154 -7.35 14.78 -19.97
CA LYS A 154 -6.31 14.55 -20.96
C LYS A 154 -5.08 15.42 -20.65
N HIS A 155 -5.31 16.67 -20.27
CA HIS A 155 -4.21 17.54 -19.91
C HIS A 155 -3.58 17.10 -18.59
N GLU A 156 -4.40 16.78 -17.60
CA GLU A 156 -3.90 16.37 -16.29
C GLU A 156 -3.02 15.13 -16.41
N LEU A 157 -3.52 14.09 -17.07
CA LEU A 157 -2.78 12.84 -17.13
C LEU A 157 -1.62 12.91 -18.12
N GLY A 158 -1.85 13.49 -19.30
CA GLY A 158 -0.85 13.46 -20.34
C GLY A 158 0.18 14.57 -20.26
N THR A 159 -0.10 15.63 -19.52
CA THR A 159 0.84 16.75 -19.44
C THR A 159 1.27 17.03 -18.00
N VAL A 160 0.34 17.29 -17.09
CA VAL A 160 0.71 17.69 -15.74
C VAL A 160 1.35 16.53 -14.98
N CYS A 161 0.74 15.33 -15.05
CA CYS A 161 1.31 14.18 -14.37
CA CYS A 161 1.31 14.16 -14.39
C CYS A 161 2.72 13.87 -14.86
N VAL A 162 2.94 13.97 -16.18
CA VAL A 162 4.24 13.66 -16.75
C VAL A 162 5.28 14.65 -16.27
N GLN A 163 4.97 15.94 -16.34
CA GLN A 163 5.84 16.97 -15.78
C GLN A 163 6.20 16.73 -14.31
N ASN A 164 5.22 16.36 -13.50
CA ASN A 164 5.47 16.16 -12.07
C ASN A 164 6.27 14.87 -11.84
N LEU A 165 5.99 13.81 -12.63
CA LEU A 165 6.81 12.61 -12.59
C LEU A 165 8.26 12.93 -12.88
N ARG A 166 8.53 13.72 -13.93
CA ARG A 166 9.92 14.07 -14.19
C ARG A 166 10.51 14.87 -13.02
N ARG A 167 9.73 15.78 -12.45
CA ARG A 167 10.23 16.56 -11.33
C ARG A 167 10.58 15.66 -10.15
N TYR A 168 9.64 14.79 -9.76
CA TYR A 168 9.88 13.93 -8.59
C TYR A 168 11.05 12.98 -8.82
N LEU A 169 11.19 12.46 -10.05
CA LEU A 169 12.32 11.57 -10.35
C LEU A 169 13.64 12.30 -10.17
N GLU A 170 13.73 13.55 -10.63
CA GLU A 170 14.98 14.30 -10.46
C GLU A 170 15.18 14.69 -9.00
N HIS A 171 14.15 15.30 -8.39
CA HIS A 171 14.30 15.82 -7.03
C HIS A 171 14.54 14.71 -6.03
N GLY A 172 13.94 13.55 -6.26
CA GLY A 172 14.13 12.46 -5.33
C GLY A 172 15.06 11.34 -5.79
N LYS A 173 15.98 11.65 -6.69
CA LYS A 173 16.81 10.60 -7.31
C LYS A 173 17.71 9.91 -6.26
N ALA A 174 18.24 10.64 -5.27
CA ALA A 174 19.08 9.98 -4.26
C ALA A 174 18.31 8.89 -3.56
N ALA A 175 17.11 9.22 -3.06
CA ALA A 175 16.29 8.22 -2.39
C ALA A 175 15.91 7.09 -3.34
N LEU A 176 15.56 7.43 -4.57
CA LEU A 176 15.02 6.41 -5.46
C LEU A 176 16.08 5.41 -5.86
N LYS A 177 17.33 5.82 -5.95
CA LYS A 177 18.36 4.93 -6.45
C LYS A 177 19.10 4.17 -5.36
N ARG A 178 18.99 4.58 -4.08
CA ARG A 178 19.76 3.97 -3.00
CA ARG A 178 19.79 3.95 -3.03
C ARG A 178 19.22 2.58 -2.70
N ARG A 179 19.99 1.54 -3.01
CA ARG A 179 19.57 0.16 -2.78
C ARG A 179 19.84 -0.25 -1.34
N VAL A 180 18.97 -1.08 -0.79
CA VAL A 180 19.06 -1.53 0.59
C VAL A 180 18.96 -3.05 0.58
N GLN A 181 20.05 -3.73 0.95
CA GLN A 181 20.08 -5.18 0.94
C GLN A 181 19.14 -5.74 2.00
N PRO A 182 18.43 -6.83 1.70
CA PRO A 182 17.60 -7.47 2.73
C PRO A 182 18.48 -8.14 3.78
N GLU A 183 18.02 -8.14 5.02
CA GLU A 183 18.59 -9.01 6.03
C GLU A 183 17.68 -10.23 6.14
N VAL A 184 18.23 -11.39 5.84
CA VAL A 184 17.45 -12.62 5.72
C VAL A 184 17.63 -13.45 6.98
N ARG A 185 16.51 -13.88 7.54
CA ARG A 185 16.47 -14.81 8.66
C ARG A 185 15.67 -16.04 8.22
N VAL A 186 16.23 -17.22 8.46
CA VAL A 186 15.57 -18.51 8.22
C VAL A 186 15.30 -19.18 9.56
N TRP A 187 14.07 -19.62 9.78
CA TRP A 187 13.66 -20.20 11.06
C TRP A 187 12.94 -21.52 10.86
N GLY A 188 12.90 -22.31 11.92
CA GLY A 188 12.19 -23.57 11.93
C GLY A 188 11.50 -23.88 13.25
N LYS A 189 10.21 -24.18 13.21
CA LYS A 189 9.44 -24.65 14.36
C LYS A 189 8.83 -26.00 14.01
N GLU A 190 8.86 -26.92 14.99
CA GLU A 190 8.43 -28.31 14.80
C GLU A 190 7.13 -28.54 15.56
N ALA A 191 6.02 -28.67 14.82
CA ALA A 191 4.70 -28.89 15.40
C ALA A 191 4.06 -30.13 14.79
N ASP A 192 3.45 -30.96 15.63
CA ASP A 192 2.74 -32.17 15.20
C ASP A 192 3.66 -33.12 14.43
N GLY A 193 4.96 -33.12 14.75
CA GLY A 193 5.91 -33.95 14.05
C GLY A 193 6.36 -33.47 12.68
N ILE A 194 6.05 -32.22 12.30
CA ILE A 194 6.49 -31.67 11.02
C ILE A 194 7.24 -30.36 11.28
N LEU A 195 8.23 -30.07 10.44
CA LEU A 195 9.08 -28.90 10.61
C LEU A 195 8.73 -27.85 9.58
N THR A 196 8.36 -26.66 10.06
CA THR A 196 8.07 -25.54 9.16
C THR A 196 9.33 -24.68 9.04
N LEU A 197 9.88 -24.63 7.85
CA LEU A 197 11.00 -23.75 7.54
C LEU A 197 10.45 -22.44 6.98
N SER A 198 10.67 -21.34 7.70
CA SER A 198 10.22 -20.04 7.24
C SER A 198 11.42 -19.15 6.96
N CYS A 199 11.34 -18.42 5.84
CA CYS A 199 12.38 -17.52 5.37
C CYS A 199 11.81 -16.10 5.33
N HIS A 200 12.45 -15.18 6.06
CA HIS A 200 11.98 -13.80 6.16
C HIS A 200 13.07 -12.84 5.69
N ALA A 201 12.73 -11.99 4.71
CA ALA A 201 13.67 -11.00 4.19
C ALA A 201 13.22 -9.65 4.70
N HIS A 202 14.08 -9.00 5.48
CA HIS A 202 13.76 -7.79 6.23
C HIS A 202 14.40 -6.58 5.56
N GLY A 203 13.60 -5.56 5.33
CA GLY A 203 14.14 -4.22 5.08
C GLY A 203 14.85 -4.02 3.77
N PHE A 204 14.31 -4.51 2.64
CA PHE A 204 14.96 -4.29 1.37
C PHE A 204 14.32 -3.14 0.59
N TYR A 205 15.10 -2.58 -0.33
CA TYR A 205 14.62 -1.56 -1.26
C TYR A 205 15.52 -1.68 -2.47
N PRO A 206 14.98 -1.65 -3.71
CA PRO A 206 13.57 -1.45 -4.07
C PRO A 206 12.71 -2.66 -3.81
N ARG A 207 11.43 -2.53 -4.18
CA ARG A 207 10.38 -3.47 -3.80
C ARG A 207 10.50 -4.86 -4.43
N PRO A 208 10.85 -5.01 -5.71
CA PRO A 208 10.84 -6.37 -6.28
C PRO A 208 11.86 -7.29 -5.61
N ILE A 209 11.41 -8.50 -5.28
CA ILE A 209 12.22 -9.54 -4.65
C ILE A 209 11.61 -10.88 -5.05
N THR A 210 12.43 -11.92 -5.08
CA THR A 210 11.91 -13.28 -5.21
C THR A 210 12.52 -14.15 -4.11
N ILE A 211 11.73 -15.11 -3.64
CA ILE A 211 12.14 -16.03 -2.61
C ILE A 211 11.68 -17.42 -3.04
N SER A 212 12.60 -18.36 -3.09
CA SER A 212 12.31 -19.73 -3.47
C SER A 212 12.96 -20.68 -2.47
N TRP A 213 12.30 -21.82 -2.25
CA TRP A 213 12.86 -22.88 -1.44
C TRP A 213 13.36 -24.01 -2.33
N MET A 214 14.49 -24.60 -1.96
CA MET A 214 15.07 -25.71 -2.71
C MET A 214 15.43 -26.86 -1.76
N LYS A 215 15.33 -28.08 -2.28
CA LYS A 215 15.72 -29.29 -1.58
C LYS A 215 16.70 -30.03 -2.47
N ASP A 216 17.81 -30.47 -1.90
CA ASP A 216 18.89 -31.13 -2.66
C ASP A 216 19.23 -30.35 -3.93
N GLY A 217 19.14 -29.03 -3.84
CA GLY A 217 19.47 -28.17 -4.98
C GLY A 217 18.42 -28.08 -6.06
N MET A 218 17.20 -28.54 -5.77
CA MET A 218 16.09 -28.52 -6.72
C MET A 218 14.92 -27.76 -6.12
N VAL A 219 14.39 -26.77 -6.88
CA VAL A 219 13.34 -25.92 -6.34
C VAL A 219 12.11 -26.76 -6.01
N ARG A 220 11.35 -26.32 -5.01
CA ARG A 220 10.16 -27.02 -4.53
C ARG A 220 9.07 -25.99 -4.23
N ASP A 221 8.18 -25.75 -5.20
CA ASP A 221 7.13 -24.74 -5.09
C ASP A 221 5.79 -25.29 -4.62
N GLN A 222 5.53 -26.57 -4.90
CA GLN A 222 4.22 -27.15 -4.61
C GLN A 222 3.89 -27.10 -3.12
N GLU A 223 4.91 -27.14 -2.26
CA GLU A 223 4.71 -27.13 -0.83
C GLU A 223 5.06 -25.78 -0.21
N THR A 224 5.20 -24.74 -1.01
CA THR A 224 5.63 -23.44 -0.51
C THR A 224 4.44 -22.51 -0.34
N ARG A 225 4.46 -21.75 0.75
CA ARG A 225 3.53 -20.65 0.97
C ARG A 225 4.34 -19.37 1.01
N TRP A 226 3.83 -18.33 0.35
CA TRP A 226 4.49 -17.03 0.33
C TRP A 226 3.62 -16.03 1.09
N GLY A 227 4.24 -15.25 1.97
CA GLY A 227 3.50 -14.27 2.73
C GLY A 227 3.19 -13.01 1.95
N GLY A 228 3.89 -12.77 0.86
CA GLY A 228 3.71 -11.54 0.12
C GLY A 228 4.70 -10.48 0.56
N ILE A 229 4.73 -9.39 -0.19
CA ILE A 229 5.62 -8.27 0.07
C ILE A 229 4.82 -7.24 0.85
N VAL A 230 5.33 -6.84 2.01
CA VAL A 230 4.58 -5.92 2.87
C VAL A 230 5.50 -4.79 3.28
N PRO A 231 4.94 -3.63 3.66
CA PRO A 231 5.77 -2.46 3.93
C PRO A 231 6.32 -2.36 5.35
N ASN A 232 7.49 -1.76 5.43
CA ASN A 232 7.98 -1.14 6.66
C ASN A 232 7.68 0.35 6.63
N SER A 233 7.68 0.98 7.81
CA SER A 233 7.38 2.40 7.88
C SER A 233 8.48 3.28 7.28
N ASP A 234 9.68 2.76 7.03
CA ASP A 234 10.78 3.60 6.54
C ASP A 234 10.96 3.54 5.01
N GLY A 235 9.99 3.01 4.28
CA GLY A 235 10.12 2.91 2.85
C GLY A 235 10.78 1.62 2.37
N THR A 236 11.28 0.78 3.27
CA THR A 236 11.73 -0.54 2.87
C THR A 236 10.57 -1.54 2.94
N TYR A 237 10.87 -2.77 2.53
CA TYR A 237 9.85 -3.80 2.43
C TYR A 237 10.29 -5.07 3.14
N HIS A 238 9.31 -5.96 3.27
CA HIS A 238 9.44 -7.22 3.99
C HIS A 238 8.77 -8.27 3.12
N ALA A 239 9.31 -9.48 3.10
CA ALA A 239 8.70 -10.55 2.33
C ALA A 239 9.07 -11.86 3.00
N SER A 240 8.25 -12.89 2.76
CA SER A 240 8.47 -14.16 3.46
C SER A 240 8.02 -15.36 2.62
N ALA A 241 8.61 -16.52 2.93
CA ALA A 241 8.12 -17.77 2.37
C ALA A 241 8.33 -18.87 3.39
N ALA A 242 7.44 -19.85 3.38
CA ALA A 242 7.52 -20.99 4.29
C ALA A 242 7.31 -22.29 3.51
N ILE A 243 7.81 -23.38 4.08
CA ILE A 243 7.64 -24.71 3.48
C ILE A 243 7.64 -25.73 4.61
N ASP A 244 6.84 -26.78 4.47
CA ASP A 244 6.72 -27.81 5.49
C ASP A 244 7.59 -29.01 5.13
N VAL A 245 8.28 -29.55 6.13
CA VAL A 245 9.39 -30.45 5.91
C VAL A 245 9.42 -31.47 7.05
N LEU A 246 9.69 -32.73 6.70
CA LEU A 246 9.93 -33.74 7.72
C LEU A 246 11.16 -33.36 8.53
N PRO A 247 11.08 -33.32 9.88
CA PRO A 247 12.20 -32.78 10.67
C PRO A 247 13.55 -33.40 10.33
N GLU A 248 13.57 -34.67 9.92
CA GLU A 248 14.80 -35.35 9.53
C GLU A 248 15.42 -34.78 8.25
N ASP A 249 14.68 -33.98 7.49
CA ASP A 249 15.16 -33.41 6.24
C ASP A 249 15.45 -31.93 6.33
N GLY A 250 15.52 -31.37 7.55
CA GLY A 250 15.58 -29.93 7.72
C GLY A 250 16.88 -29.29 7.28
N ASP A 251 17.98 -30.04 7.29
CA ASP A 251 19.26 -29.50 6.86
C ASP A 251 19.44 -29.53 5.35
N LYS A 252 18.50 -30.10 4.60
CA LYS A 252 18.66 -30.30 3.16
C LYS A 252 18.02 -29.19 2.33
N TYR A 253 17.48 -28.15 2.94
CA TYR A 253 16.75 -27.12 2.21
C TYR A 253 17.50 -25.79 2.25
N TRP A 254 17.35 -25.04 1.15
CA TRP A 254 18.01 -23.77 0.94
C TRP A 254 16.97 -22.74 0.48
N CYS A 255 16.96 -21.58 1.14
CA CYS A 255 16.18 -20.42 0.69
C CYS A 255 17.02 -19.62 -0.30
N ARG A 256 16.45 -19.32 -1.46
CA ARG A 256 17.12 -18.54 -2.50
C ARG A 256 16.46 -17.18 -2.61
N VAL A 257 17.24 -16.12 -2.41
CA VAL A 257 16.72 -14.76 -2.40
C VAL A 257 17.39 -13.96 -3.51
N GLU A 258 16.58 -13.30 -4.32
CA GLU A 258 17.07 -12.54 -5.46
C GLU A 258 16.56 -11.11 -5.33
N HIS A 259 17.48 -10.15 -5.30
CA HIS A 259 17.13 -8.76 -5.10
C HIS A 259 18.16 -7.90 -5.83
N ALA A 260 17.73 -6.71 -6.27
CA ALA A 260 18.62 -5.85 -7.04
C ALA A 260 19.83 -5.42 -6.24
N SER A 261 19.72 -5.42 -4.91
CA SER A 261 20.89 -5.07 -4.09
C SER A 261 21.92 -6.19 -4.03
N LEU A 262 21.58 -7.39 -4.49
CA LEU A 262 22.48 -8.53 -4.42
C LEU A 262 22.99 -8.85 -5.82
N PRO A 263 24.30 -8.66 -6.08
CA PRO A 263 24.82 -8.97 -7.42
C PRO A 263 24.55 -10.41 -7.85
N GLN A 264 24.61 -11.36 -6.90
CA GLN A 264 24.22 -12.73 -7.17
C GLN A 264 23.20 -13.15 -6.12
N PRO A 265 22.30 -14.07 -6.47
CA PRO A 265 21.27 -14.47 -5.51
C PRO A 265 21.87 -15.14 -4.28
N GLY A 266 21.26 -14.89 -3.13
CA GLY A 266 21.74 -15.43 -1.87
C GLY A 266 21.06 -16.74 -1.52
N LEU A 267 21.86 -17.67 -0.99
CA LEU A 267 21.38 -18.97 -0.57
C LEU A 267 21.49 -19.03 0.96
N PHE A 268 20.40 -19.38 1.61
CA PHE A 268 20.36 -19.40 3.08
C PHE A 268 19.80 -20.72 3.56
N SER A 269 20.25 -21.15 4.73
CA SER A 269 19.82 -22.42 5.33
C SER A 269 19.33 -22.19 6.75
N TRP A 270 18.70 -23.22 7.30
CA TRP A 270 18.21 -23.23 8.68
C TRP A 270 19.30 -23.55 9.70
N ASP B 1 -14.18 -12.53 3.32
CA ASP B 1 -13.37 -12.29 2.13
C ASP B 1 -12.88 -10.84 2.08
N LEU B 2 -13.70 -9.89 2.56
CA LEU B 2 -13.24 -8.52 2.81
C LEU B 2 -12.82 -8.32 4.27
N THR B 3 -12.58 -9.42 5.00
CA THR B 3 -11.98 -9.36 6.31
C THR B 3 -10.50 -8.97 6.19
N PRO B 4 -9.93 -8.34 7.22
CA PRO B 4 -8.49 -8.05 7.18
C PRO B 4 -7.65 -9.31 7.12
N LYS B 5 -6.63 -9.29 6.26
CA LYS B 5 -5.56 -10.27 6.25
C LYS B 5 -4.35 -9.62 6.92
N VAL B 6 -3.84 -10.24 7.99
CA VAL B 6 -2.96 -9.58 8.94
C VAL B 6 -1.64 -10.32 9.03
N GLN B 7 -0.54 -9.59 8.93
CA GLN B 7 0.80 -10.11 9.20
C GLN B 7 1.45 -9.26 10.28
N VAL B 8 2.13 -9.93 11.22
CA VAL B 8 2.92 -9.30 12.27
C VAL B 8 4.38 -9.69 12.07
N TYR B 9 5.26 -8.70 12.06
CA TYR B 9 6.67 -8.93 11.77
C TYR B 9 7.48 -7.77 12.33
N SER B 10 8.74 -8.03 12.66
CA SER B 10 9.62 -6.99 13.16
C SER B 10 10.36 -6.35 12.01
N ARG B 11 10.68 -5.07 12.17
CA ARG B 11 11.40 -4.35 11.12
C ARG B 11 12.71 -5.05 10.80
N PHE B 12 13.50 -5.37 11.82
CA PHE B 12 14.78 -6.05 11.70
C PHE B 12 14.64 -7.48 12.22
N PRO B 13 15.48 -8.39 11.76
CA PRO B 13 15.48 -9.74 12.36
C PRO B 13 15.63 -9.65 13.88
N ALA B 14 14.77 -10.35 14.60
CA ALA B 14 14.59 -10.07 16.01
C ALA B 14 15.66 -10.74 16.85
N SER B 15 16.10 -10.03 17.88
CA SER B 15 17.12 -10.54 18.78
C SER B 15 16.82 -9.99 20.16
N ALA B 16 16.76 -10.88 21.15
CA ALA B 16 16.33 -10.47 22.49
C ALA B 16 17.21 -9.35 23.03
N GLY B 17 16.58 -8.31 23.54
CA GLY B 17 17.26 -7.18 24.12
C GLY B 17 17.81 -6.16 23.15
N THR B 18 17.62 -6.34 21.85
CA THR B 18 18.11 -5.37 20.88
C THR B 18 16.94 -4.56 20.31
N LYS B 19 17.08 -3.24 20.32
CA LYS B 19 16.00 -2.35 19.91
C LYS B 19 15.57 -2.63 18.47
N ASN B 20 14.27 -2.50 18.22
CA ASN B 20 13.65 -2.94 16.98
C ASN B 20 12.34 -2.16 16.79
N VAL B 21 11.60 -2.51 15.74
CA VAL B 21 10.26 -1.97 15.48
C VAL B 21 9.33 -3.13 15.17
N LEU B 22 8.18 -3.18 15.85
CA LEU B 22 7.17 -4.20 15.61
C LEU B 22 6.13 -3.64 14.65
N ASN B 23 5.79 -4.42 13.63
CA ASN B 23 4.89 -4.04 12.56
C ASN B 23 3.66 -4.93 12.60
N CYS B 24 2.51 -4.33 12.37
CA CYS B 24 1.28 -5.08 12.12
C CYS B 24 0.67 -4.52 10.85
N PHE B 25 0.58 -5.35 9.82
CA PHE B 25 0.08 -4.91 8.53
C PHE B 25 -1.21 -5.66 8.22
N ALA B 26 -2.28 -4.89 8.02
CA ALA B 26 -3.59 -5.41 7.68
C ALA B 26 -3.92 -5.01 6.25
N ALA B 27 -4.48 -5.94 5.47
CA ALA B 27 -4.77 -5.60 4.08
C ALA B 27 -5.99 -6.36 3.61
N GLY B 28 -6.45 -6.00 2.41
CA GLY B 28 -7.53 -6.70 1.76
C GLY B 28 -8.90 -6.44 2.33
N PHE B 29 -9.08 -5.37 3.10
CA PHE B 29 -10.33 -5.25 3.84
C PHE B 29 -11.16 -4.08 3.35
N HIS B 30 -12.43 -4.10 3.76
CA HIS B 30 -13.41 -3.06 3.45
C HIS B 30 -14.54 -3.21 4.45
N PRO B 31 -15.09 -2.11 5.02
CA PRO B 31 -14.78 -0.69 4.84
C PRO B 31 -13.43 -0.31 5.48
N PRO B 32 -12.94 0.93 5.26
CA PRO B 32 -11.59 1.29 5.73
C PRO B 32 -11.46 1.46 7.23
N LYS B 33 -12.54 1.74 7.94
CA LYS B 33 -12.45 1.86 9.40
C LYS B 33 -11.94 0.56 10.00
N ILE B 34 -10.87 0.64 10.79
CA ILE B 34 -10.25 -0.54 11.39
C ILE B 34 -9.50 -0.11 12.64
N SER B 35 -9.50 -0.98 13.65
CA SER B 35 -8.69 -0.80 14.86
C SER B 35 -7.58 -1.82 14.83
N ILE B 36 -6.34 -1.34 14.87
CA ILE B 36 -5.14 -2.18 14.91
C ILE B 36 -4.31 -1.72 16.10
N THR B 37 -4.04 -2.63 17.02
CA THR B 37 -3.41 -2.28 18.30
C THR B 37 -2.30 -3.25 18.60
N LEU B 38 -1.06 -2.75 18.64
CA LEU B 38 0.08 -3.55 19.07
C LEU B 38 0.09 -3.68 20.58
N MET B 39 0.45 -4.87 21.06
CA MET B 39 0.37 -5.20 22.46
C MET B 39 1.59 -6.00 22.90
N LYS B 40 2.09 -5.68 24.09
CA LYS B 40 3.08 -6.49 24.78
C LYS B 40 2.41 -7.08 26.02
N ASP B 41 2.33 -8.41 26.06
CA ASP B 41 1.65 -9.11 27.15
C ASP B 41 0.25 -8.52 27.39
N GLY B 42 -0.47 -8.23 26.31
CA GLY B 42 -1.83 -7.76 26.44
C GLY B 42 -1.98 -6.30 26.78
N VAL B 43 -0.90 -5.55 26.85
CA VAL B 43 -0.92 -4.11 27.16
C VAL B 43 -0.55 -3.35 25.90
N PRO B 44 -1.35 -2.39 25.46
CA PRO B 44 -1.02 -1.64 24.23
C PRO B 44 0.39 -1.04 24.32
N MET B 45 1.15 -1.20 23.25
CA MET B 45 2.47 -0.59 23.22
C MET B 45 2.36 0.92 23.02
N GLU B 46 3.30 1.65 23.61
CA GLU B 46 3.31 3.11 23.55
C GLU B 46 3.98 3.61 22.28
N GLY B 47 3.59 4.80 21.85
CA GLY B 47 4.19 5.43 20.69
C GLY B 47 3.84 4.81 19.36
N ALA B 48 2.76 4.04 19.28
CA ALA B 48 2.39 3.39 18.02
C ALA B 48 1.93 4.43 17.00
N GLN B 49 2.20 4.15 15.72
CA GLN B 49 1.83 5.04 14.63
C GLN B 49 1.19 4.25 13.49
N TYR B 50 0.33 4.91 12.75
CA TYR B 50 -0.41 4.26 11.67
C TYR B 50 -0.12 4.97 10.36
N SER B 51 -0.19 4.22 9.27
CA SER B 51 -0.01 4.76 7.93
C SER B 51 -1.26 5.50 7.46
N ASP B 52 -1.07 6.50 6.62
CA ASP B 52 -2.19 7.14 5.93
C ASP B 52 -2.98 6.10 5.14
N MET B 53 -4.31 6.15 5.26
CA MET B 53 -5.18 5.18 4.60
C MET B 53 -4.91 5.14 3.10
N SER B 54 -4.68 3.94 2.59
CA SER B 54 -4.45 3.73 1.16
C SER B 54 -5.01 2.36 0.80
N PHE B 55 -4.80 1.95 -0.45
CA PHE B 55 -5.50 0.77 -0.93
C PHE B 55 -4.75 0.15 -2.09
N ASN B 56 -5.10 -1.09 -2.37
CA ASN B 56 -4.49 -1.90 -3.40
C ASN B 56 -5.16 -1.63 -4.74
N ASP B 57 -4.56 -2.16 -5.81
CA ASP B 57 -5.13 -2.06 -7.15
C ASP B 57 -6.56 -2.56 -7.22
N ASP B 58 -6.91 -3.58 -6.42
CA ASP B 58 -8.27 -4.13 -6.39
C ASP B 58 -9.22 -3.34 -5.50
N TRP B 59 -8.82 -2.16 -5.03
CA TRP B 59 -9.56 -1.20 -4.23
C TRP B 59 -9.61 -1.56 -2.73
N THR B 60 -9.19 -2.76 -2.33
CA THR B 60 -9.24 -3.13 -0.92
C THR B 60 -8.22 -2.34 -0.11
N PHE B 61 -8.57 -2.06 1.14
CA PHE B 61 -7.77 -1.13 1.94
C PHE B 61 -6.67 -1.85 2.70
N GLN B 62 -5.73 -1.05 3.21
CA GLN B 62 -4.44 -1.50 3.74
C GLN B 62 -4.05 -0.53 4.84
N ARG B 63 -3.43 -1.05 5.90
CA ARG B 63 -2.90 -0.15 6.91
C ARG B 63 -1.78 -0.84 7.69
N LEU B 64 -0.68 -0.12 7.87
CA LEU B 64 0.47 -0.55 8.65
C LEU B 64 0.53 0.22 9.97
N VAL B 65 0.63 -0.48 11.08
CA VAL B 65 0.86 0.13 12.39
C VAL B 65 2.19 -0.36 12.93
N HIS B 66 3.02 0.55 13.44
CA HIS B 66 4.35 0.18 13.96
C HIS B 66 4.64 0.89 15.28
N ALA B 67 5.47 0.26 16.10
CA ALA B 67 5.94 0.86 17.34
C ALA B 67 7.34 0.34 17.65
N ASP B 68 8.21 1.25 18.06
CA ASP B 68 9.53 0.87 18.58
C ASP B 68 9.35 -0.04 19.78
N PHE B 69 10.23 -1.03 19.93
CA PHE B 69 10.16 -1.89 21.10
C PHE B 69 11.49 -2.62 21.19
N THR B 70 11.74 -3.21 22.35
CA THR B 70 12.93 -4.03 22.58
C THR B 70 12.46 -5.42 22.96
N PRO B 71 12.46 -6.37 22.02
CA PRO B 71 11.90 -7.70 22.31
C PRO B 71 12.53 -8.31 23.54
N SER B 72 11.68 -8.78 24.44
CA SER B 72 12.06 -9.59 25.59
C SER B 72 11.70 -11.05 25.34
N SER B 73 12.62 -11.96 25.71
CA SER B 73 12.29 -13.38 25.64
C SER B 73 11.16 -13.76 26.60
N GLY B 74 11.02 -13.03 27.70
CA GLY B 74 9.91 -13.31 28.59
C GLY B 74 8.53 -12.85 28.17
N SER B 75 8.38 -12.17 27.02
CA SER B 75 7.13 -11.48 26.69
C SER B 75 6.46 -12.06 25.45
N THR B 76 5.14 -11.94 25.43
CA THR B 76 4.30 -12.24 24.27
C THR B 76 3.87 -10.94 23.60
N TYR B 77 4.14 -10.82 22.31
CA TYR B 77 3.72 -9.68 21.50
C TYR B 77 2.65 -10.14 20.52
N ALA B 78 1.73 -9.23 20.20
CA ALA B 78 0.59 -9.57 19.36
C ALA B 78 -0.06 -8.30 18.84
N CYS B 79 -0.91 -8.47 17.85
CA CYS B 79 -1.61 -7.37 17.20
C CYS B 79 -3.10 -7.67 17.29
N LYS B 80 -3.84 -6.75 17.91
CA LYS B 80 -5.28 -6.91 18.07
C LYS B 80 -5.98 -6.10 16.98
N VAL B 81 -6.79 -6.77 16.17
CA VAL B 81 -7.43 -6.18 15.01
C VAL B 81 -8.94 -6.26 15.19
N GLU B 82 -9.63 -5.14 14.99
CA GLU B 82 -11.05 -5.20 15.27
C GLU B 82 -11.67 -4.56 14.02
N HIS B 83 -12.68 -5.20 13.41
CA HIS B 83 -13.18 -4.73 12.12
C HIS B 83 -14.62 -5.19 11.95
N GLU B 84 -15.37 -4.41 11.17
CA GLU B 84 -16.81 -4.67 11.00
C GLU B 84 -17.09 -6.08 10.51
N THR B 85 -16.22 -6.64 9.68
CA THR B 85 -16.43 -8.00 9.21
C THR B 85 -16.21 -9.06 10.29
N LEU B 86 -15.67 -8.68 11.45
CA LEU B 86 -15.35 -9.62 12.53
C LEU B 86 -16.27 -9.39 13.71
N LYS B 87 -16.88 -10.48 14.20
CA LYS B 87 -17.77 -10.40 15.36
C LYS B 87 -17.00 -10.21 16.66
N GLU B 88 -15.76 -10.67 16.73
CA GLU B 88 -14.92 -10.53 17.91
C GLU B 88 -13.56 -10.03 17.46
N PRO B 89 -12.80 -9.40 18.37
CA PRO B 89 -11.45 -8.98 17.99
C PRO B 89 -10.57 -10.17 17.67
N GLN B 90 -9.70 -10.01 16.69
CA GLN B 90 -8.78 -11.04 16.28
C GLN B 90 -7.39 -10.66 16.76
N VAL B 91 -6.76 -11.55 17.51
CA VAL B 91 -5.42 -11.33 18.04
C VAL B 91 -4.43 -12.17 17.27
N TYR B 92 -3.45 -11.51 16.66
CA TYR B 92 -2.43 -12.16 15.84
C TYR B 92 -1.11 -12.14 16.61
N LYS B 93 -0.59 -13.31 16.96
CA LYS B 93 0.61 -13.38 17.78
C LYS B 93 1.86 -13.27 16.91
N TRP B 94 2.79 -12.42 17.34
CA TRP B 94 4.09 -12.32 16.69
C TRP B 94 4.93 -13.56 16.98
N ASP B 95 5.40 -14.21 15.91
CA ASP B 95 6.37 -15.30 16.00
C ASP B 95 7.77 -14.68 16.02
N PRO B 96 8.51 -14.73 17.13
CA PRO B 96 9.76 -13.97 17.21
C PRO B 96 10.90 -14.54 16.38
N GLU B 97 10.95 -15.86 16.17
CA GLU B 97 12.01 -16.48 15.35
C GLU B 97 13.40 -16.24 15.96
N PHE B 98 13.52 -16.47 17.26
CA PHE B 98 14.82 -16.50 17.93
C PHE B 98 14.77 -17.37 19.19
N GLY C 1 -13.63 15.49 -9.59
CA GLY C 1 -14.77 15.21 -10.45
C GLY C 1 -16.06 14.97 -9.68
N GLN C 2 -17.07 15.80 -9.91
CA GLN C 2 -18.37 15.53 -9.31
C GLN C 2 -19.15 14.55 -10.17
N ALA C 3 -19.65 13.49 -9.56
CA ALA C 3 -20.44 12.49 -10.28
C ALA C 3 -21.89 12.98 -10.42
N VAL C 4 -22.04 14.06 -11.18
CA VAL C 4 -23.34 14.63 -11.50
C VAL C 4 -24.28 13.56 -12.10
N SER C 5 -25.57 13.89 -12.20
CA SER C 5 -26.57 12.95 -12.68
C SER C 5 -27.50 13.59 -13.71
C1 PEG D . 26.12 -18.13 -0.84
O1 PEG D . 25.40 -18.03 -2.05
C2 PEG D . 25.29 -17.62 0.33
O2 PEG D . 25.29 -16.22 0.43
C3 PEG D . 24.24 -15.72 1.23
C4 PEG D . 24.46 -14.24 1.59
O4 PEG D . 23.84 -13.42 0.65
NA NA E . 19.33 -16.87 9.93
CL CL F . 20.64 -16.64 12.98
CL CL G . 23.18 -21.52 10.11
MG MG H . 10.10 -1.88 24.82
C1 MYR I . -12.74 14.58 -9.10
O1 MYR I . -12.55 13.67 -9.83
C2 MYR I . -11.65 14.93 -8.09
C3 MYR I . -10.23 14.97 -8.69
C4 MYR I . -9.20 15.15 -7.59
C5 MYR I . -7.78 15.38 -8.09
C6 MYR I . -6.86 15.78 -6.94
C7 MYR I . -5.39 15.65 -7.30
C8 MYR I . -4.46 16.19 -6.21
C9 MYR I . -3.01 16.04 -6.66
C10 MYR I . -1.98 16.48 -5.61
C11 MYR I . -1.96 15.57 -4.37
C12 MYR I . -0.75 15.89 -3.50
C13 MYR I . -0.54 14.94 -2.32
C14 MYR I . 0.22 13.66 -2.68
#